data_4DUN
#
_entry.id   4DUN
#
_cell.length_a   63.650
_cell.length_b   63.650
_cell.length_c   135.120
_cell.angle_alpha   90.00
_cell.angle_beta   90.00
_cell.angle_gamma   120.00
#
_symmetry.space_group_name_H-M   'P 31 2 1'
#
loop_
_entity.id
_entity.type
_entity.pdbx_description
1 polymer 'Putative phenazine biosynthesis PhzC/PhzF protein'
2 non-polymer 'SULFATE ION'
3 non-polymer 2-[BIS-(2-HYDROXY-ETHYL)-AMINO]-2-HYDROXYMETHYL-PROPANE-1,3-DIOL
4 non-polymer 'NICKEL (II) ION'
5 water water
#
_entity_poly.entity_id   1
_entity_poly.type   'polypeptide(L)'
_entity_poly.pdbx_seq_one_letter_code
;SNAMEYYIVDSFATKLFKGNPAGVCVLDRRIPLELMQKIAEENNLPETAFVVKGKGNYELRWFTPKAEIDLCGHATLAAA
YVISNFIDVNVKKIDFFTQSGKLEVTRNGNLYEMIFPEIMPIEIELSPQQANLIGCVPSDVYSSRDLILLLNSEQEVINY
KPNYAQLRKLTDWLGIIITAQGSNTDFVSRYFCPELDSEDPVTGSSHCNLIPYWSEKLGKHKMVAAQLSNRGGIIQCEVL
KDNTVKISGEAVLFMQGTIKIDI
;
_entity_poly.pdbx_strand_id   A
#
# COMPACT_ATOMS: atom_id res chain seq x y z
N ALA A 3 27.15 -9.86 -1.38
CA ALA A 3 27.26 -9.87 0.08
C ALA A 3 25.90 -9.65 0.75
N MET A 4 25.00 -8.86 0.11
CA MET A 4 23.68 -8.61 0.65
C MET A 4 22.62 -9.37 -0.15
N GLU A 5 21.72 -10.08 0.55
CA GLU A 5 20.62 -10.82 -0.08
C GLU A 5 19.61 -9.84 -0.65
N TYR A 6 19.11 -10.11 -1.85
CA TYR A 6 18.19 -9.19 -2.51
C TYR A 6 17.05 -9.96 -3.15
N TYR A 7 15.83 -9.43 -2.99
CA TYR A 7 14.58 -10.05 -3.43
C TYR A 7 13.69 -9.04 -4.09
N ILE A 8 12.97 -9.47 -5.13
CA ILE A 8 11.92 -8.67 -5.76
C ILE A 8 10.63 -9.40 -5.45
N VAL A 9 9.71 -8.72 -4.74
CA VAL A 9 8.47 -9.32 -4.26
C VAL A 9 7.28 -8.48 -4.68
N ASP A 10 6.19 -9.15 -5.10
CA ASP A 10 4.91 -8.50 -5.43
C ASP A 10 3.98 -8.59 -4.21
N SER A 11 3.61 -7.42 -3.65
N SER A 11 3.63 -7.43 -3.62
CA SER A 11 2.75 -7.36 -2.46
CA SER A 11 2.76 -7.36 -2.43
C SER A 11 1.29 -7.27 -2.86
C SER A 11 1.30 -7.27 -2.84
N PHE A 12 0.39 -7.88 -2.06
CA PHE A 12 -1.07 -7.95 -2.34
C PHE A 12 -1.30 -8.63 -3.71
N ALA A 13 -0.49 -9.65 -4.02
CA ALA A 13 -0.54 -10.35 -5.30
C ALA A 13 -0.80 -11.81 -5.08
N THR A 14 -1.80 -12.33 -5.79
CA THR A 14 -2.29 -13.72 -5.81
C THR A 14 -1.49 -14.51 -6.87
N LYS A 15 -0.76 -13.78 -7.78
CA LYS A 15 0.05 -14.29 -8.90
C LYS A 15 1.19 -13.31 -9.24
N LEU A 16 2.26 -13.84 -9.85
CA LEU A 16 3.39 -13.04 -10.32
C LEU A 16 2.90 -11.96 -11.30
N PHE A 17 3.53 -10.77 -11.27
CA PHE A 17 3.31 -9.55 -12.11
C PHE A 17 2.06 -8.74 -11.70
N LYS A 18 1.45 -9.11 -10.57
CA LYS A 18 0.30 -8.41 -10.02
C LYS A 18 0.76 -7.68 -8.76
N GLY A 19 -0.16 -6.98 -8.13
CA GLY A 19 0.15 -6.28 -6.89
C GLY A 19 1.13 -5.14 -7.03
N ASN A 20 1.73 -4.75 -5.90
CA ASN A 20 2.66 -3.60 -5.82
C ASN A 20 4.12 -4.13 -5.65
N PRO A 21 5.00 -3.99 -6.69
CA PRO A 21 6.35 -4.58 -6.59
C PRO A 21 7.33 -3.77 -5.73
N ALA A 22 8.15 -4.50 -4.94
CA ALA A 22 9.19 -3.87 -4.12
C ALA A 22 10.47 -4.67 -4.17
N GLY A 23 11.59 -3.97 -4.07
CA GLY A 23 12.89 -4.59 -3.87
C GLY A 23 13.04 -4.72 -2.35
N VAL A 24 13.67 -5.79 -1.88
CA VAL A 24 13.90 -6.00 -0.43
C VAL A 24 15.36 -6.43 -0.28
N CYS A 25 16.16 -5.60 0.38
N CYS A 25 16.16 -5.58 0.38
CA CYS A 25 17.59 -5.85 0.59
CA CYS A 25 17.57 -5.83 0.69
C CYS A 25 17.83 -6.16 2.07
C CYS A 25 17.64 -6.26 2.14
N VAL A 26 18.31 -7.38 2.39
CA VAL A 26 18.51 -7.85 3.76
C VAL A 26 19.98 -7.74 4.09
N LEU A 27 20.31 -6.93 5.11
CA LEU A 27 21.69 -6.65 5.50
C LEU A 27 22.05 -7.22 6.86
N ASP A 28 23.29 -7.73 6.97
CA ASP A 28 23.85 -8.24 8.23
C ASP A 28 24.42 -7.09 9.05
N ARG A 29 24.88 -6.05 8.36
CA ARG A 29 25.50 -4.85 8.94
C ARG A 29 24.94 -3.60 8.29
N ARG A 30 25.15 -2.45 8.94
CA ARG A 30 24.72 -1.16 8.42
C ARG A 30 25.53 -0.76 7.22
N ILE A 31 24.87 -0.10 6.28
CA ILE A 31 25.53 0.49 5.12
C ILE A 31 25.12 1.99 5.10
N PRO A 32 25.89 2.88 4.46
CA PRO A 32 25.49 4.29 4.44
C PRO A 32 24.13 4.51 3.79
N LEU A 33 23.38 5.53 4.27
CA LEU A 33 22.08 5.91 3.67
C LEU A 33 22.28 6.30 2.21
N GLU A 34 23.42 6.95 1.86
N GLU A 34 23.44 6.95 1.88
CA GLU A 34 23.73 7.33 0.47
CA GLU A 34 23.83 7.34 0.51
C GLU A 34 23.87 6.08 -0.42
C GLU A 34 23.89 6.09 -0.41
N LEU A 35 24.42 4.97 0.13
CA LEU A 35 24.53 3.72 -0.62
C LEU A 35 23.13 3.07 -0.77
N MET A 36 22.26 3.15 0.28
CA MET A 36 20.89 2.63 0.16
C MET A 36 20.17 3.36 -0.97
N GLN A 37 20.34 4.71 -1.05
CA GLN A 37 19.71 5.50 -2.11
C GLN A 37 20.21 5.06 -3.49
N LYS A 38 21.55 4.86 -3.65
CA LYS A 38 22.11 4.45 -4.95
C LYS A 38 21.54 3.10 -5.37
N ILE A 39 21.41 2.18 -4.41
CA ILE A 39 20.84 0.84 -4.65
C ILE A 39 19.39 0.97 -5.09
N ALA A 40 18.59 1.82 -4.42
CA ALA A 40 17.17 2.02 -4.78
C ALA A 40 17.04 2.63 -6.20
N GLU A 41 17.94 3.55 -6.55
N GLU A 41 17.94 3.57 -6.56
CA GLU A 41 17.98 4.19 -7.86
CA GLU A 41 17.96 4.17 -7.90
C GLU A 41 18.35 3.16 -8.95
C GLU A 41 18.29 3.09 -8.93
N GLU A 42 19.29 2.25 -8.63
CA GLU A 42 19.77 1.19 -9.53
C GLU A 42 18.64 0.17 -9.80
N ASN A 43 17.91 -0.23 -8.76
CA ASN A 43 16.79 -1.14 -8.90
C ASN A 43 15.66 -0.53 -9.75
N ASN A 44 15.42 0.79 -9.57
CA ASN A 44 14.37 1.55 -10.25
C ASN A 44 12.96 0.98 -9.96
N LEU A 45 12.81 0.25 -8.85
CA LEU A 45 11.50 -0.24 -8.44
C LEU A 45 10.82 0.87 -7.60
N PRO A 46 9.47 0.90 -7.52
CA PRO A 46 8.78 2.00 -6.80
C PRO A 46 9.38 2.28 -5.41
N GLU A 47 9.75 1.20 -4.71
CA GLU A 47 10.52 1.27 -3.46
C GLU A 47 11.46 0.10 -3.35
N THR A 48 12.62 0.32 -2.68
CA THR A 48 13.51 -0.71 -2.18
C THR A 48 13.49 -0.59 -0.67
N ALA A 49 13.14 -1.68 0.01
CA ALA A 49 13.13 -1.80 1.47
C ALA A 49 14.49 -2.35 1.93
N PHE A 50 15.04 -1.79 2.98
CA PHE A 50 16.32 -2.23 3.54
C PHE A 50 16.07 -2.68 4.94
N VAL A 51 16.35 -3.96 5.23
CA VAL A 51 16.17 -4.55 6.55
C VAL A 51 17.54 -4.79 7.16
N VAL A 52 17.79 -4.21 8.34
CA VAL A 52 19.02 -4.43 9.08
C VAL A 52 18.69 -5.42 10.17
N LYS A 53 19.28 -6.62 10.09
CA LYS A 53 19.03 -7.60 11.14
C LYS A 53 20.11 -7.45 12.19
N GLY A 54 19.69 -7.00 13.38
CA GLY A 54 20.54 -6.81 14.55
C GLY A 54 20.12 -7.70 15.70
N LYS A 55 20.84 -7.63 16.83
CA LYS A 55 20.54 -8.44 18.02
C LYS A 55 19.15 -8.08 18.57
N GLY A 56 18.23 -9.03 18.44
CA GLY A 56 16.86 -8.89 18.92
C GLY A 56 15.90 -8.01 18.13
N ASN A 57 16.35 -7.28 17.07
CA ASN A 57 15.42 -6.42 16.31
C ASN A 57 15.71 -6.27 14.79
N TYR A 58 14.71 -5.75 14.03
CA TYR A 58 14.85 -5.39 12.62
C TYR A 58 14.63 -3.91 12.43
N GLU A 59 15.60 -3.21 11.85
CA GLU A 59 15.42 -1.82 11.45
C GLU A 59 14.99 -1.84 10.02
N LEU A 60 13.97 -1.08 9.67
CA LEU A 60 13.43 -1.08 8.30
C LEU A 60 13.37 0.34 7.76
N ARG A 61 14.02 0.55 6.63
CA ARG A 61 13.91 1.78 5.84
C ARG A 61 13.43 1.51 4.40
N TRP A 62 12.83 2.51 3.81
CA TRP A 62 12.37 2.43 2.45
C TRP A 62 12.86 3.62 1.66
N PHE A 63 13.26 3.35 0.43
CA PHE A 63 13.72 4.37 -0.49
C PHE A 63 13.04 4.23 -1.83
N THR A 64 12.55 5.34 -2.38
CA THR A 64 12.08 5.32 -3.77
C THR A 64 13.37 5.47 -4.61
N PRO A 65 13.33 5.48 -5.95
CA PRO A 65 14.57 5.75 -6.71
C PRO A 65 15.14 7.16 -6.49
N LYS A 66 14.37 8.05 -5.80
CA LYS A 66 14.75 9.45 -5.58
C LYS A 66 15.00 9.87 -4.12
N ALA A 67 14.30 9.28 -3.13
CA ALA A 67 14.43 9.73 -1.74
C ALA A 67 14.06 8.67 -0.73
N GLU A 68 14.51 8.88 0.51
CA GLU A 68 14.07 8.04 1.62
C GLU A 68 12.66 8.48 2.02
N ILE A 69 11.78 7.54 2.37
CA ILE A 69 10.40 7.87 2.77
C ILE A 69 10.19 7.38 4.19
N ASP A 70 9.14 7.89 4.87
CA ASP A 70 8.94 7.56 6.28
C ASP A 70 7.89 6.49 6.57
N LEU A 71 7.14 6.08 5.56
CA LEU A 71 6.13 5.04 5.73
C LEU A 71 5.85 4.38 4.40
N CYS A 72 5.64 3.07 4.42
CA CYS A 72 5.30 2.34 3.21
C CYS A 72 4.73 0.98 3.55
N GLY A 73 3.41 0.94 3.77
CA GLY A 73 2.73 -0.30 4.14
C GLY A 73 2.91 -1.46 3.15
N HIS A 74 2.77 -1.20 1.85
CA HIS A 74 2.86 -2.28 0.85
C HIS A 74 4.30 -2.86 0.77
N ALA A 75 5.35 -2.02 0.88
CA ALA A 75 6.73 -2.58 0.86
C ALA A 75 7.04 -3.25 2.19
N THR A 76 6.36 -2.83 3.29
CA THR A 76 6.53 -3.46 4.60
C THR A 76 6.01 -4.91 4.54
N LEU A 77 4.87 -5.14 3.85
CA LEU A 77 4.32 -6.49 3.65
C LEU A 77 5.38 -7.35 2.91
N ALA A 78 5.98 -6.79 1.82
CA ALA A 78 7.03 -7.50 1.07
C ALA A 78 8.22 -7.88 1.99
N ALA A 79 8.67 -6.94 2.83
CA ALA A 79 9.78 -7.19 3.77
C ALA A 79 9.41 -8.33 4.77
N ALA A 80 8.18 -8.33 5.30
CA ALA A 80 7.72 -9.37 6.22
C ALA A 80 7.70 -10.73 5.52
N TYR A 81 7.25 -10.75 4.24
CA TYR A 81 7.25 -11.98 3.43
C TYR A 81 8.68 -12.53 3.32
N VAL A 82 9.64 -11.65 3.05
CA VAL A 82 11.04 -12.06 2.95
C VAL A 82 11.55 -12.63 4.28
N ILE A 83 11.29 -11.95 5.41
N ILE A 83 11.30 -11.96 5.41
CA ILE A 83 11.73 -12.38 6.74
CA ILE A 83 11.80 -12.45 6.71
C ILE A 83 11.22 -13.81 7.04
C ILE A 83 11.22 -13.85 7.02
N SER A 84 9.89 -14.01 6.93
CA SER A 84 9.24 -15.30 7.26
C SER A 84 9.50 -16.42 6.24
N ASN A 85 9.87 -16.10 4.99
CA ASN A 85 10.16 -17.15 4.04
C ASN A 85 11.64 -17.51 3.96
N PHE A 86 12.55 -16.56 4.31
CA PHE A 86 13.97 -16.81 4.12
C PHE A 86 14.91 -16.55 5.31
N ILE A 87 14.54 -15.64 6.21
CA ILE A 87 15.45 -15.19 7.26
C ILE A 87 15.20 -15.91 8.57
N ASP A 88 13.96 -15.85 9.06
CA ASP A 88 13.47 -16.54 10.25
C ASP A 88 12.29 -17.33 9.77
N VAL A 89 12.58 -18.48 9.12
CA VAL A 89 11.60 -19.29 8.42
C VAL A 89 10.39 -19.64 9.28
N ASN A 90 9.21 -19.22 8.81
CA ASN A 90 7.87 -19.44 9.37
C ASN A 90 7.60 -18.67 10.66
N VAL A 91 8.39 -17.61 10.97
CA VAL A 91 8.08 -16.74 12.11
C VAL A 91 6.68 -16.12 11.87
N LYS A 92 5.83 -16.05 12.92
CA LYS A 92 4.47 -15.52 12.79
C LYS A 92 4.38 -14.02 13.02
N LYS A 93 5.14 -13.48 13.98
CA LYS A 93 5.12 -12.05 14.31
C LYS A 93 6.42 -11.37 13.91
N ILE A 94 6.33 -10.35 13.04
CA ILE A 94 7.48 -9.61 12.56
C ILE A 94 7.34 -8.15 13.02
N ASP A 95 8.30 -7.69 13.84
CA ASP A 95 8.37 -6.32 14.33
C ASP A 95 9.44 -5.57 13.59
N PHE A 96 9.11 -4.38 13.10
CA PHE A 96 10.07 -3.50 12.42
C PHE A 96 10.17 -2.15 13.12
N PHE A 97 11.39 -1.64 13.28
CA PHE A 97 11.62 -0.31 13.83
C PHE A 97 11.94 0.60 12.66
N THR A 98 11.10 1.65 12.47
CA THR A 98 11.18 2.56 11.32
C THR A 98 11.20 4.04 11.73
N GLN A 99 11.26 4.93 10.72
CA GLN A 99 11.19 6.39 10.89
C GLN A 99 9.89 6.81 11.56
N SER A 100 8.82 6.01 11.36
CA SER A 100 7.47 6.29 11.90
C SER A 100 7.10 5.39 13.10
N GLY A 101 8.09 4.82 13.75
CA GLY A 101 7.87 4.00 14.93
C GLY A 101 7.82 2.52 14.63
N LYS A 102 7.35 1.75 15.61
CA LYS A 102 7.31 0.30 15.47
C LYS A 102 6.14 -0.15 14.60
N LEU A 103 6.41 -1.07 13.66
CA LEU A 103 5.36 -1.65 12.81
C LEU A 103 5.34 -3.15 13.04
N GLU A 104 4.15 -3.69 13.27
N GLU A 104 4.14 -3.69 13.26
CA GLU A 104 4.02 -5.14 13.45
CA GLU A 104 3.94 -5.13 13.49
C GLU A 104 3.30 -5.74 12.24
C GLU A 104 3.24 -5.77 12.29
N VAL A 105 3.78 -6.91 11.79
CA VAL A 105 3.15 -7.65 10.68
C VAL A 105 2.92 -9.08 11.22
N THR A 106 1.71 -9.63 11.03
CA THR A 106 1.42 -11.00 11.46
C THR A 106 1.19 -11.88 10.25
N ARG A 107 1.89 -13.04 10.19
CA ARG A 107 1.70 -14.01 9.13
C ARG A 107 0.64 -14.98 9.56
N ASN A 108 -0.43 -15.08 8.77
CA ASN A 108 -1.55 -15.98 9.06
C ASN A 108 -1.67 -16.88 7.83
N GLY A 109 -1.10 -18.09 7.90
CA GLY A 109 -1.02 -18.98 6.76
C GLY A 109 -0.02 -18.35 5.81
N ASN A 110 -0.49 -17.89 4.63
CA ASN A 110 0.35 -17.16 3.68
C ASN A 110 -0.18 -15.72 3.51
N LEU A 111 -1.01 -15.28 4.44
CA LEU A 111 -1.54 -13.93 4.43
C LEU A 111 -0.74 -13.08 5.42
N TYR A 112 -0.43 -11.85 5.05
CA TYR A 112 0.31 -10.95 5.94
C TYR A 112 -0.64 -9.87 6.41
N GLU A 113 -0.78 -9.77 7.73
CA GLU A 113 -1.72 -8.86 8.36
C GLU A 113 -1.12 -7.61 8.98
N MET A 114 -1.76 -6.48 8.71
CA MET A 114 -1.32 -5.20 9.28
C MET A 114 -2.53 -4.48 9.86
N ILE A 115 -2.39 -3.99 11.10
CA ILE A 115 -3.46 -3.34 11.83
C ILE A 115 -3.23 -1.84 11.78
N PHE A 116 -4.22 -1.13 11.24
N PHE A 116 -4.23 -1.12 11.30
CA PHE A 116 -4.19 0.32 11.01
CA PHE A 116 -4.14 0.33 11.15
C PHE A 116 -5.32 1.04 11.74
C PHE A 116 -5.31 1.04 11.81
N PRO A 117 -5.23 2.37 12.03
CA PRO A 117 -6.36 3.05 12.68
C PRO A 117 -7.55 3.16 11.72
N GLU A 118 -8.77 3.00 12.25
CA GLU A 118 -10.00 3.15 11.49
C GLU A 118 -10.25 4.65 11.34
N ILE A 119 -10.46 5.12 10.11
CA ILE A 119 -10.64 6.57 9.90
C ILE A 119 -11.87 6.80 9.02
N MET A 120 -13.06 6.91 9.64
CA MET A 120 -14.28 7.17 8.87
C MET A 120 -14.16 8.55 8.21
N PRO A 121 -14.20 8.66 6.85
CA PRO A 121 -14.06 9.97 6.23
C PRO A 121 -15.34 10.78 6.37
N ILE A 122 -15.25 12.08 6.12
CA ILE A 122 -16.38 12.99 6.26
C ILE A 122 -16.85 13.43 4.88
N GLU A 123 -18.19 13.41 4.66
CA GLU A 123 -18.80 13.87 3.42
C GLU A 123 -18.59 15.37 3.24
N ILE A 124 -18.18 15.79 2.04
CA ILE A 124 -17.96 17.22 1.77
C ILE A 124 -18.66 17.60 0.47
N GLU A 125 -18.72 18.90 0.21
CA GLU A 125 -19.22 19.48 -1.03
C GLU A 125 -18.05 20.17 -1.70
N LEU A 126 -17.72 19.76 -2.93
CA LEU A 126 -16.62 20.41 -3.65
C LEU A 126 -17.10 21.74 -4.22
N SER A 127 -16.18 22.72 -4.28
CA SER A 127 -16.43 24.02 -4.89
C SER A 127 -16.59 23.83 -6.41
N PRO A 128 -17.28 24.73 -7.15
CA PRO A 128 -17.39 24.55 -8.62
C PRO A 128 -16.04 24.32 -9.31
N GLN A 129 -14.94 24.97 -8.86
CA GLN A 129 -13.58 24.83 -9.42
C GLN A 129 -13.02 23.43 -9.14
N GLN A 130 -13.18 22.91 -7.90
CA GLN A 130 -12.72 21.58 -7.52
C GLN A 130 -13.48 20.50 -8.29
N ALA A 131 -14.80 20.70 -8.50
CA ALA A 131 -15.66 19.76 -9.25
C ALA A 131 -15.21 19.63 -10.71
N ASN A 132 -14.59 20.69 -11.26
CA ASN A 132 -14.07 20.68 -12.62
C ASN A 132 -12.66 20.03 -12.67
N LEU A 133 -11.98 19.88 -11.53
CA LEU A 133 -10.64 19.28 -11.52
C LEU A 133 -10.64 17.75 -11.34
N ILE A 134 -11.73 17.18 -10.81
CA ILE A 134 -11.81 15.73 -10.52
C ILE A 134 -12.01 14.84 -11.76
N GLY A 135 -12.47 15.42 -12.87
CA GLY A 135 -12.63 14.71 -14.14
C GLY A 135 -13.66 13.60 -14.16
N CYS A 136 -14.75 13.77 -13.37
CA CYS A 136 -15.86 12.82 -13.28
C CYS A 136 -17.00 13.50 -12.52
N VAL A 137 -18.18 12.87 -12.51
CA VAL A 137 -19.34 13.34 -11.75
C VAL A 137 -19.65 12.22 -10.74
N PRO A 138 -19.10 12.33 -9.51
CA PRO A 138 -19.33 11.27 -8.52
C PRO A 138 -20.71 11.33 -7.87
N SER A 139 -21.15 10.19 -7.29
N SER A 139 -21.14 10.18 -7.31
CA SER A 139 -22.41 10.11 -6.55
CA SER A 139 -22.40 10.06 -6.56
C SER A 139 -22.29 10.91 -5.26
C SER A 139 -22.29 10.85 -5.25
N ASP A 140 -21.11 10.78 -4.60
CA ASP A 140 -20.78 11.44 -3.33
C ASP A 140 -19.28 11.72 -3.26
N VAL A 141 -18.90 12.67 -2.40
CA VAL A 141 -17.50 13.06 -2.18
C VAL A 141 -17.21 13.01 -0.67
N TYR A 142 -16.12 12.30 -0.28
CA TYR A 142 -15.71 12.18 1.13
C TYR A 142 -14.27 12.68 1.27
N SER A 143 -13.91 13.09 2.48
CA SER A 143 -12.60 13.71 2.70
C SER A 143 -11.89 13.15 3.90
N SER A 144 -10.57 12.95 3.74
N SER A 144 -10.57 12.95 3.73
CA SER A 144 -9.62 12.50 4.78
CA SER A 144 -9.62 12.46 4.72
C SER A 144 -8.24 12.97 4.33
C SER A 144 -8.24 12.96 4.30
N ARG A 145 -7.17 12.17 4.54
CA ARG A 145 -5.81 12.51 4.05
C ARG A 145 -5.92 12.62 2.50
N ASP A 146 -6.71 11.71 1.91
CA ASP A 146 -7.01 11.62 0.49
C ASP A 146 -8.43 12.06 0.19
N LEU A 147 -8.68 12.42 -1.09
CA LEU A 147 -10.01 12.76 -1.57
C LEU A 147 -10.67 11.47 -2.04
N ILE A 148 -11.91 11.22 -1.60
CA ILE A 148 -12.59 9.98 -1.95
C ILE A 148 -13.79 10.32 -2.83
N LEU A 149 -13.81 9.75 -4.04
CA LEU A 149 -14.88 9.96 -5.01
C LEU A 149 -15.66 8.68 -5.20
N LEU A 150 -16.91 8.70 -4.76
CA LEU A 150 -17.78 7.55 -4.91
C LEU A 150 -18.37 7.56 -6.31
N LEU A 151 -18.05 6.54 -7.12
CA LEU A 151 -18.60 6.42 -8.46
C LEU A 151 -19.81 5.47 -8.44
N ASN A 152 -20.60 5.45 -9.53
CA ASN A 152 -21.85 4.70 -9.57
C ASN A 152 -21.71 3.20 -9.90
N SER A 153 -20.53 2.74 -10.31
CA SER A 153 -20.32 1.31 -10.64
C SER A 153 -18.84 0.96 -10.72
N GLU A 154 -18.53 -0.34 -10.71
CA GLU A 154 -17.18 -0.84 -10.92
C GLU A 154 -16.73 -0.43 -12.35
N GLN A 155 -17.65 -0.49 -13.34
CA GLN A 155 -17.36 -0.08 -14.72
C GLN A 155 -16.85 1.37 -14.76
N GLU A 156 -17.47 2.28 -14.00
CA GLU A 156 -17.04 3.69 -13.98
C GLU A 156 -15.62 3.84 -13.38
N VAL A 157 -15.30 3.00 -12.38
CA VAL A 157 -13.96 2.96 -11.76
C VAL A 157 -12.96 2.49 -12.83
N ILE A 158 -13.26 1.41 -13.55
CA ILE A 158 -12.41 0.88 -14.63
C ILE A 158 -12.22 1.95 -15.74
N ASN A 159 -13.31 2.65 -16.14
CA ASN A 159 -13.29 3.63 -17.24
C ASN A 159 -12.48 4.90 -16.97
N TYR A 160 -12.32 5.26 -15.70
CA TYR A 160 -11.65 6.51 -15.34
C TYR A 160 -10.22 6.56 -15.88
N LYS A 161 -9.86 7.71 -16.46
CA LYS A 161 -8.54 7.97 -17.02
C LYS A 161 -8.05 9.25 -16.36
N PRO A 162 -7.03 9.14 -15.50
CA PRO A 162 -6.59 10.34 -14.76
C PRO A 162 -5.91 11.39 -15.64
N ASN A 163 -6.17 12.66 -15.31
CA ASN A 163 -5.54 13.83 -15.89
C ASN A 163 -4.70 14.39 -14.75
N TYR A 164 -3.43 13.98 -14.66
CA TYR A 164 -2.60 14.34 -13.49
C TYR A 164 -2.37 15.83 -13.34
N ALA A 165 -2.34 16.60 -14.44
CA ALA A 165 -2.16 18.06 -14.41
C ALA A 165 -3.32 18.71 -13.64
N GLN A 166 -4.54 18.25 -13.90
CA GLN A 166 -5.75 18.74 -13.23
C GLN A 166 -5.80 18.27 -11.76
N LEU A 167 -5.49 16.98 -11.51
CA LEU A 167 -5.51 16.41 -10.17
C LEU A 167 -4.45 17.06 -9.25
N ARG A 168 -3.31 17.50 -9.80
CA ARG A 168 -2.27 18.19 -9.02
C ARG A 168 -2.78 19.51 -8.42
N LYS A 169 -3.84 20.10 -9.02
CA LYS A 169 -4.42 21.36 -8.57
C LYS A 169 -5.33 21.16 -7.33
N LEU A 170 -5.64 19.90 -6.96
CA LEU A 170 -6.42 19.56 -5.76
C LEU A 170 -5.44 19.37 -4.58
N THR A 171 -4.79 20.49 -4.19
CA THR A 171 -3.73 20.58 -3.17
C THR A 171 -4.17 20.24 -1.72
N ASP A 172 -5.48 20.19 -1.45
CA ASP A 172 -6.01 19.88 -0.12
C ASP A 172 -5.82 18.40 0.26
N TRP A 173 -5.52 17.50 -0.70
CA TRP A 173 -5.41 16.06 -0.46
C TRP A 173 -4.10 15.46 -1.01
N LEU A 174 -3.64 14.35 -0.39
CA LEU A 174 -2.40 13.68 -0.80
C LEU A 174 -2.63 12.90 -2.11
N GLY A 175 -3.62 12.03 -2.09
CA GLY A 175 -4.00 11.20 -3.22
C GLY A 175 -5.46 11.34 -3.56
N ILE A 176 -5.84 10.85 -4.73
CA ILE A 176 -7.22 10.88 -5.21
C ILE A 176 -7.69 9.45 -5.34
N ILE A 177 -8.75 9.11 -4.60
CA ILE A 177 -9.32 7.78 -4.59
C ILE A 177 -10.66 7.78 -5.33
N ILE A 178 -10.89 6.78 -6.20
CA ILE A 178 -12.19 6.57 -6.81
C ILE A 178 -12.65 5.19 -6.28
N THR A 179 -13.92 5.07 -5.89
CA THR A 179 -14.38 3.81 -5.30
C THR A 179 -15.81 3.49 -5.72
N ALA A 180 -16.18 2.20 -5.71
CA ALA A 180 -17.56 1.75 -6.01
C ALA A 180 -17.75 0.36 -5.48
N GLN A 181 -19.00 -0.15 -5.46
CA GLN A 181 -19.22 -1.54 -5.06
C GLN A 181 -18.59 -2.46 -6.12
N GLY A 182 -18.09 -3.62 -5.70
CA GLY A 182 -17.46 -4.54 -6.66
C GLY A 182 -18.40 -5.57 -7.28
N SER A 183 -17.99 -6.12 -8.45
CA SER A 183 -18.72 -7.17 -9.15
C SER A 183 -18.42 -8.54 -8.53
N ASN A 184 -17.12 -8.80 -8.27
CA ASN A 184 -16.58 -10.05 -7.73
C ASN A 184 -16.10 -9.84 -6.28
N THR A 185 -16.05 -8.60 -5.82
CA THR A 185 -15.59 -8.23 -4.48
C THR A 185 -16.61 -7.32 -3.81
N ASP A 186 -16.45 -7.04 -2.50
CA ASP A 186 -17.37 -6.14 -1.80
C ASP A 186 -17.29 -4.73 -2.34
N PHE A 187 -16.04 -4.24 -2.55
CA PHE A 187 -15.83 -2.91 -3.08
C PHE A 187 -14.54 -2.87 -3.85
N VAL A 188 -14.38 -1.81 -4.66
CA VAL A 188 -13.21 -1.63 -5.49
C VAL A 188 -12.74 -0.21 -5.37
N SER A 189 -11.48 0.02 -5.72
CA SER A 189 -10.92 1.38 -5.74
C SER A 189 -9.71 1.45 -6.65
N ARG A 190 -9.33 2.66 -7.01
CA ARG A 190 -8.12 3.02 -7.73
C ARG A 190 -7.58 4.25 -7.00
N TYR A 191 -6.25 4.31 -6.87
CA TYR A 191 -5.61 5.40 -6.13
C TYR A 191 -4.61 6.11 -7.04
N PHE A 192 -4.75 7.42 -7.18
CA PHE A 192 -3.90 8.23 -8.05
C PHE A 192 -3.00 9.17 -7.25
N CYS A 193 -1.70 9.19 -7.63
CA CYS A 193 -0.64 10.01 -7.03
C CYS A 193 -0.28 11.12 -8.02
N PRO A 194 -0.96 12.30 -7.91
CA PRO A 194 -0.78 13.35 -8.92
C PRO A 194 0.65 13.89 -9.04
N GLU A 195 1.37 14.03 -7.92
CA GLU A 195 2.73 14.57 -7.96
C GLU A 195 3.73 13.53 -8.49
N LEU A 196 3.39 12.24 -8.36
CA LEU A 196 4.22 11.15 -8.88
C LEU A 196 3.84 10.84 -10.35
N ASP A 197 2.75 11.45 -10.89
CA ASP A 197 2.22 11.21 -12.25
C ASP A 197 1.95 9.70 -12.45
N SER A 198 1.44 9.03 -11.42
CA SER A 198 1.24 7.60 -11.49
C SER A 198 0.04 7.12 -10.71
N GLU A 199 -0.41 5.93 -11.07
CA GLU A 199 -1.49 5.25 -10.36
C GLU A 199 -0.86 4.21 -9.45
N ASP A 200 -1.19 4.25 -8.17
CA ASP A 200 -0.61 3.30 -7.22
C ASP A 200 -1.18 1.88 -7.47
N PRO A 201 -0.32 0.85 -7.68
CA PRO A 201 -0.85 -0.51 -7.94
C PRO A 201 -1.78 -1.02 -6.82
N VAL A 202 -1.34 -0.93 -5.56
CA VAL A 202 -2.13 -1.36 -4.38
C VAL A 202 -1.80 -0.43 -3.23
N THR A 203 -2.82 0.09 -2.56
CA THR A 203 -2.64 1.02 -1.46
C THR A 203 -3.29 0.48 -0.18
N GLY A 204 -2.48 0.22 0.82
CA GLY A 204 -3.04 -0.26 2.09
C GLY A 204 -3.73 0.84 2.89
N SER A 205 -3.12 2.02 3.01
CA SER A 205 -3.60 3.11 3.89
C SER A 205 -4.94 3.73 3.45
N SER A 206 -5.30 3.71 2.15
CA SER A 206 -6.61 4.17 1.70
C SER A 206 -7.73 3.31 2.36
N HIS A 207 -7.41 2.05 2.71
CA HIS A 207 -8.37 1.14 3.32
C HIS A 207 -8.69 1.54 4.78
N CYS A 208 -7.89 2.48 5.39
CA CYS A 208 -8.24 3.08 6.68
C CYS A 208 -9.58 3.82 6.59
N ASN A 209 -9.85 4.42 5.41
CA ASN A 209 -11.10 5.12 5.15
C ASN A 209 -12.12 4.22 4.47
N LEU A 210 -11.68 3.43 3.48
CA LEU A 210 -12.60 2.64 2.66
C LEU A 210 -13.30 1.57 3.47
N ILE A 211 -12.59 0.94 4.43
CA ILE A 211 -13.16 -0.13 5.25
C ILE A 211 -14.33 0.43 6.12
N PRO A 212 -14.18 1.46 6.99
CA PRO A 212 -15.35 1.92 7.77
C PRO A 212 -16.46 2.42 6.85
N TYR A 213 -16.11 3.07 5.75
CA TYR A 213 -17.14 3.55 4.84
C TYR A 213 -17.98 2.46 4.19
N TRP A 214 -17.34 1.42 3.65
CA TRP A 214 -18.08 0.32 3.03
C TRP A 214 -18.67 -0.62 4.07
N SER A 215 -18.03 -0.73 5.26
CA SER A 215 -18.60 -1.54 6.35
C SER A 215 -20.00 -1.03 6.72
N GLU A 216 -20.18 0.30 6.82
N GLU A 216 -20.19 0.31 6.84
CA GLU A 216 -21.45 0.93 7.17
CA GLU A 216 -21.48 0.91 7.18
C GLU A 216 -22.47 0.76 6.02
C GLU A 216 -22.49 0.73 6.03
N LYS A 217 -22.04 0.99 4.77
CA LYS A 217 -22.90 0.89 3.58
C LYS A 217 -23.40 -0.53 3.31
N LEU A 218 -22.53 -1.54 3.51
CA LEU A 218 -22.82 -2.94 3.19
C LEU A 218 -23.27 -3.76 4.40
N GLY A 219 -23.09 -3.24 5.61
CA GLY A 219 -23.42 -3.91 6.86
C GLY A 219 -22.57 -5.15 7.11
N LYS A 220 -21.26 -5.06 6.79
CA LYS A 220 -20.32 -6.18 6.94
C LYS A 220 -19.06 -5.79 7.70
N HIS A 221 -18.56 -6.70 8.57
CA HIS A 221 -17.34 -6.44 9.33
C HIS A 221 -16.13 -7.04 8.63
N LYS A 222 -16.35 -8.08 7.79
CA LYS A 222 -15.31 -8.75 7.00
C LYS A 222 -15.65 -8.58 5.55
N MET A 223 -14.72 -8.06 4.76
CA MET A 223 -14.92 -7.78 3.35
C MET A 223 -13.70 -8.07 2.54
N VAL A 224 -13.87 -8.19 1.21
N VAL A 224 -13.88 -8.18 1.21
CA VAL A 224 -12.75 -8.34 0.29
CA VAL A 224 -12.82 -8.38 0.22
C VAL A 224 -12.84 -7.13 -0.66
C VAL A 224 -12.85 -7.16 -0.71
N ALA A 225 -11.70 -6.50 -0.92
CA ALA A 225 -11.59 -5.33 -1.78
C ALA A 225 -10.61 -5.62 -2.90
N ALA A 226 -10.82 -4.98 -4.03
CA ALA A 226 -9.89 -5.06 -5.14
C ALA A 226 -9.42 -3.66 -5.46
N GLN A 227 -8.16 -3.54 -5.84
CA GLN A 227 -7.61 -2.27 -6.32
C GLN A 227 -7.43 -2.51 -7.81
N LEU A 228 -8.23 -1.81 -8.62
CA LEU A 228 -8.31 -2.07 -10.06
C LEU A 228 -7.29 -1.28 -10.89
N SER A 229 -6.02 -1.38 -10.48
CA SER A 229 -4.89 -0.84 -11.22
C SER A 229 -4.57 -1.83 -12.35
N ASN A 230 -3.67 -1.47 -13.26
CA ASN A 230 -3.22 -2.33 -14.37
C ASN A 230 -2.75 -3.69 -13.80
N ARG A 231 -1.90 -3.64 -12.77
CA ARG A 231 -1.37 -4.85 -12.11
C ARG A 231 -2.45 -5.52 -11.26
N GLY A 232 -3.20 -4.73 -10.52
CA GLY A 232 -4.32 -5.16 -9.69
C GLY A 232 -3.92 -5.71 -8.34
N GLY A 233 -4.75 -5.46 -7.35
CA GLY A 233 -4.49 -5.96 -6.01
C GLY A 233 -5.74 -6.48 -5.33
N ILE A 234 -5.55 -7.42 -4.41
CA ILE A 234 -6.62 -7.97 -3.60
C ILE A 234 -6.26 -7.70 -2.15
N ILE A 235 -7.21 -7.11 -1.40
CA ILE A 235 -7.00 -6.74 -0.01
C ILE A 235 -8.09 -7.34 0.85
N GLN A 236 -7.68 -8.13 1.85
CA GLN A 236 -8.60 -8.71 2.84
C GLN A 236 -8.78 -7.64 3.89
N CYS A 237 -10.04 -7.32 4.20
CA CYS A 237 -10.45 -6.22 5.08
C CYS A 237 -11.26 -6.71 6.24
N GLU A 238 -10.99 -6.18 7.43
N GLU A 238 -10.97 -6.17 7.43
CA GLU A 238 -11.76 -6.53 8.62
CA GLU A 238 -11.69 -6.49 8.66
C GLU A 238 -11.81 -5.38 9.61
C GLU A 238 -11.83 -5.26 9.53
N VAL A 239 -13.03 -5.09 10.12
CA VAL A 239 -13.29 -4.05 11.12
C VAL A 239 -12.99 -4.74 12.45
N LEU A 240 -12.05 -4.18 13.22
CA LEU A 240 -11.71 -4.71 14.54
C LEU A 240 -12.39 -3.88 15.66
N LYS A 241 -12.30 -4.31 16.92
CA LYS A 241 -13.04 -3.74 18.06
C LYS A 241 -12.69 -2.30 18.52
N ASP A 242 -11.41 -1.97 18.66
CA ASP A 242 -10.88 -0.72 19.24
C ASP A 242 -10.61 0.40 18.21
N ASN A 243 -11.55 0.62 17.27
CA ASN A 243 -11.42 1.62 16.20
C ASN A 243 -10.15 1.34 15.38
N THR A 244 -9.94 0.07 15.05
CA THR A 244 -8.83 -0.32 14.16
C THR A 244 -9.40 -1.17 13.07
N VAL A 245 -8.60 -1.36 12.02
CA VAL A 245 -8.95 -2.20 10.89
C VAL A 245 -7.78 -3.13 10.60
N LYS A 246 -8.06 -4.32 10.06
CA LYS A 246 -7.02 -5.24 9.65
C LYS A 246 -7.00 -5.26 8.11
N ILE A 247 -5.81 -5.06 7.55
CA ILE A 247 -5.55 -5.07 6.11
C ILE A 247 -4.59 -6.22 5.87
N SER A 248 -4.98 -7.18 4.99
CA SER A 248 -4.14 -8.34 4.74
C SER A 248 -3.94 -8.58 3.27
N GLY A 249 -2.80 -9.15 2.93
CA GLY A 249 -2.51 -9.52 1.56
C GLY A 249 -1.52 -10.64 1.43
N GLU A 250 -1.52 -11.26 0.25
CA GLU A 250 -0.58 -12.30 -0.12
C GLU A 250 0.63 -11.63 -0.76
N ALA A 251 1.74 -12.34 -0.87
CA ALA A 251 2.92 -11.84 -1.58
C ALA A 251 3.48 -12.97 -2.43
N VAL A 252 4.16 -12.61 -3.53
CA VAL A 252 4.77 -13.56 -4.48
C VAL A 252 6.23 -13.17 -4.72
N LEU A 253 7.14 -14.15 -4.76
CA LEU A 253 8.57 -13.90 -5.05
C LEU A 253 8.77 -13.90 -6.56
N PHE A 254 9.39 -12.83 -7.09
CA PHE A 254 9.73 -12.77 -8.51
C PHE A 254 11.19 -13.19 -8.74
N MET A 255 12.11 -12.69 -7.92
CA MET A 255 13.53 -12.88 -8.15
C MET A 255 14.27 -12.90 -6.82
N GLN A 256 15.22 -13.81 -6.67
CA GLN A 256 16.07 -13.93 -5.48
C GLN A 256 17.53 -13.87 -5.95
N GLY A 257 18.32 -13.00 -5.36
CA GLY A 257 19.72 -12.86 -5.72
C GLY A 257 20.59 -12.19 -4.69
N THR A 258 21.74 -11.71 -5.13
CA THR A 258 22.69 -11.03 -4.25
C THR A 258 23.21 -9.76 -4.91
N ILE A 259 23.38 -8.71 -4.14
CA ILE A 259 23.99 -7.47 -4.61
C ILE A 259 25.46 -7.56 -4.24
N LYS A 260 26.32 -7.34 -5.23
N LYS A 260 26.36 -7.45 -5.24
CA LYS A 260 27.77 -7.47 -5.15
CA LYS A 260 27.80 -7.58 -5.01
C LYS A 260 28.42 -6.13 -4.74
C LYS A 260 28.44 -6.21 -4.71
N ILE A 261 28.37 -5.83 -3.43
CA ILE A 261 28.95 -4.61 -2.83
C ILE A 261 29.68 -5.07 -1.59
#